data_4PSU
#
_entry.id   4PSU
#
_cell.length_a   80.013
_cell.length_b   87.425
_cell.length_c   93.702
_cell.angle_alpha   90.00
_cell.angle_beta   90.00
_cell.angle_gamma   90.00
#
_symmetry.space_group_name_H-M   'I 2 2 2'
#
loop_
_entity.id
_entity.type
_entity.pdbx_description
1 polymer 'Alpha/beta hydrolase'
2 non-polymer 'DODECAETHYLENE GLYCOL'
3 water water
#
_entity_poly.entity_id   1
_entity_poly.type   'polypeptide(L)'
_entity_poly.pdbx_seq_one_letter_code
;(MSE)SDLVWSRDGLDWPHREASRFIEAGGFRWHVQR(MSE)GSPAAPAILLIHGTGAASHSWRGLAPLLSRHYHVVAPD
LPGHGFTQTPRGHR(MSE)SLPG(MSE)ASDLAALLRVLQVAPQLVVGHSAGAAILAR(MSE)CLDGSIDPKILFSLNGA
FLPYGGPAASFFSPLAK(MSE)LV(MSE)NPFVPSLFAWQAGHRGAVERLIGNTGSTIDPAGIKLYGKLVSSPNHVAAAL
R(MSE)(MSE)ANWDLEPLLKALPNLKPLLVLVAAEGDRAIPPSVAVKVREILPKAVIERIPALGHLAHEERPALIAALI
ERYAEKLENIE
;
_entity_poly.pdbx_strand_id   A
#
loop_
_chem_comp.id
_chem_comp.type
_chem_comp.name
_chem_comp.formula
12P non-polymer 'DODECAETHYLENE GLYCOL' 'C24 H50 O13'
#
# COMPACT_ATOMS: atom_id res chain seq x y z
N ASP A 3 -6.85 19.18 -4.99
CA ASP A 3 -5.72 20.03 -4.62
C ASP A 3 -4.44 19.64 -5.34
N LEU A 4 -4.19 18.34 -5.42
CA LEU A 4 -2.94 17.86 -6.00
C LEU A 4 -2.99 17.78 -7.53
N VAL A 5 -2.17 18.62 -8.15
CA VAL A 5 -2.09 18.74 -9.60
C VAL A 5 -0.68 18.38 -10.06
N TRP A 6 -0.59 17.44 -10.99
CA TRP A 6 0.70 16.91 -11.45
C TRP A 6 1.68 18.01 -11.84
N SER A 7 1.27 18.87 -12.77
CA SER A 7 2.15 19.89 -13.33
C SER A 7 2.56 20.95 -12.32
N ARG A 8 1.86 21.01 -11.19
CA ARG A 8 2.16 22.01 -10.17
C ARG A 8 2.85 21.39 -8.95
N ASP A 9 2.23 20.35 -8.39
CA ASP A 9 2.67 19.78 -7.11
C ASP A 9 3.62 18.60 -7.28
N GLY A 10 3.64 18.02 -8.46
CA GLY A 10 4.36 16.78 -8.68
C GLY A 10 5.67 16.91 -9.42
N LEU A 11 6.30 18.08 -9.35
CA LEU A 11 7.52 18.34 -10.10
C LEU A 11 8.74 17.60 -9.53
N ASP A 12 8.78 17.42 -8.22
CA ASP A 12 9.87 16.69 -7.57
C ASP A 12 9.45 15.27 -7.22
N TRP A 13 8.40 14.77 -7.88
CA TRP A 13 7.98 13.39 -7.71
C TRP A 13 9.08 12.45 -8.23
N PRO A 14 9.38 11.38 -7.48
CA PRO A 14 10.46 10.49 -7.92
C PRO A 14 10.10 9.64 -9.14
N HIS A 15 11.08 9.39 -10.00
CA HIS A 15 10.90 8.55 -11.19
C HIS A 15 9.79 9.11 -12.06
N ARG A 16 9.76 10.43 -12.16
CA ARG A 16 8.71 11.16 -12.89
C ARG A 16 8.53 10.67 -14.32
N GLU A 17 9.63 10.21 -14.90
CA GLU A 17 9.63 9.69 -16.28
C GLU A 17 8.69 8.50 -16.39
N ALA A 18 8.54 7.77 -15.29
CA ALA A 18 7.78 6.53 -15.29
C ALA A 18 6.27 6.77 -15.12
N SER A 19 5.90 8.01 -14.80
CA SER A 19 4.50 8.34 -14.51
C SER A 19 3.66 8.43 -15.78
N ARG A 20 2.44 7.93 -15.69
CA ARG A 20 1.47 8.06 -16.78
C ARG A 20 0.08 8.08 -16.16
N PHE A 21 -0.85 8.75 -16.83
CA PHE A 21 -2.18 8.97 -16.25
C PHE A 21 -3.27 8.28 -17.06
N ILE A 22 -3.82 7.21 -16.47
CA ILE A 22 -4.59 6.21 -17.21
C ILE A 22 -6.06 6.21 -16.81
N GLU A 23 -6.93 6.20 -17.81
CA GLU A 23 -8.36 6.07 -17.60
C GLU A 23 -8.73 4.60 -17.39
N ALA A 24 -9.39 4.30 -16.28
CA ALA A 24 -9.84 2.93 -16.01
C ALA A 24 -10.86 2.93 -14.89
N GLY A 25 -11.87 2.07 -15.03
CA GLY A 25 -12.92 1.94 -14.04
C GLY A 25 -13.69 3.22 -13.78
N GLY A 26 -13.65 4.15 -14.74
CA GLY A 26 -14.46 5.35 -14.68
C GLY A 26 -13.75 6.59 -14.17
N PHE A 27 -12.45 6.48 -13.91
CA PHE A 27 -11.67 7.63 -13.46
C PHE A 27 -10.20 7.49 -13.86
N ARG A 28 -9.41 8.52 -13.59
CA ARG A 28 -8.03 8.56 -14.06
C ARG A 28 -7.04 8.19 -12.97
N TRP A 29 -6.19 7.21 -13.25
CA TRP A 29 -5.17 6.73 -12.33
C TRP A 29 -3.81 7.35 -12.61
N HIS A 30 -3.07 7.68 -11.56
CA HIS A 30 -1.64 7.89 -11.69
C HIS A 30 -0.94 6.55 -11.49
N VAL A 31 -0.13 6.14 -12.46
CA VAL A 31 0.51 4.84 -12.42
C VAL A 31 1.97 4.97 -12.84
N GLN A 32 2.86 4.34 -12.07
CA GLN A 32 4.28 4.30 -12.42
C GLN A 32 4.65 2.92 -12.92
N ARG A 33 5.38 2.89 -14.04
CA ARG A 33 5.89 1.66 -14.62
C ARG A 33 7.39 1.74 -14.91
N MSE A 34 8.11 0.70 -14.51
CA MSE A 34 9.56 0.60 -14.72
CA MSE A 34 9.54 0.62 -14.77
C MSE A 34 9.90 -0.77 -15.29
O MSE A 34 9.09 -1.69 -15.25
CB MSE A 34 10.30 0.82 -13.41
CB MSE A 34 10.35 0.94 -13.50
CG MSE A 34 10.04 2.14 -12.71
CG MSE A 34 10.48 2.44 -13.21
SE MSE A 34 8.32 2.20 -11.79
SE MSE A 34 11.44 2.88 -11.56
CE MSE A 34 8.66 3.71 -10.59
CE MSE A 34 13.25 3.00 -12.31
N GLY A 35 11.11 -0.90 -15.82
CA GLY A 35 11.57 -2.17 -16.36
C GLY A 35 10.91 -2.48 -17.70
N SER A 36 11.31 -3.59 -18.30
CA SER A 36 10.83 -3.97 -19.62
C SER A 36 9.39 -4.49 -19.58
N PRO A 37 8.50 -3.96 -20.44
CA PRO A 37 7.09 -4.38 -20.42
C PRO A 37 6.85 -5.86 -20.72
N ALA A 38 7.91 -6.57 -21.12
CA ALA A 38 7.78 -7.97 -21.51
C ALA A 38 8.24 -8.92 -20.40
N ALA A 39 8.92 -8.39 -19.40
CA ALA A 39 9.39 -9.18 -18.26
C ALA A 39 8.21 -9.60 -17.38
N PRO A 40 8.44 -10.55 -16.47
CA PRO A 40 7.35 -10.91 -15.53
C PRO A 40 6.95 -9.69 -14.69
N ALA A 41 5.65 -9.41 -14.63
CA ALA A 41 5.17 -8.21 -13.99
C ALA A 41 5.10 -8.37 -12.47
N ILE A 42 5.54 -7.35 -11.74
CA ILE A 42 5.35 -7.29 -10.30
C ILE A 42 4.54 -6.05 -9.95
N LEU A 43 3.46 -6.27 -9.20
CA LEU A 43 2.53 -5.22 -8.83
C LEU A 43 2.73 -4.76 -7.38
N LEU A 44 2.99 -3.46 -7.21
CA LEU A 44 3.25 -2.89 -5.90
C LEU A 44 2.09 -2.00 -5.45
N ILE A 45 1.45 -2.38 -4.34
CA ILE A 45 0.32 -1.64 -3.79
C ILE A 45 0.70 -1.03 -2.44
N HIS A 46 0.76 0.30 -2.39
CA HIS A 46 1.15 1.00 -1.16
C HIS A 46 0.03 0.93 -0.11
N GLY A 47 0.34 1.42 1.08
CA GLY A 47 -0.61 1.39 2.18
C GLY A 47 -1.47 2.64 2.28
N THR A 48 -2.34 2.66 3.27
CA THR A 48 -3.25 3.77 3.50
C THR A 48 -2.49 5.08 3.72
N GLY A 49 -2.95 6.12 3.02
CA GLY A 49 -2.42 7.45 3.20
C GLY A 49 -1.10 7.74 2.51
N ALA A 50 -0.59 6.77 1.76
CA ALA A 50 0.68 6.93 1.06
C ALA A 50 0.45 7.05 -0.45
N ALA A 51 1.48 6.77 -1.24
CA ALA A 51 1.37 6.81 -2.69
C ALA A 51 2.50 6.04 -3.35
N SER A 52 2.57 6.11 -4.68
CA SER A 52 3.57 5.39 -5.46
C SER A 52 5.00 5.75 -5.07
N HIS A 53 5.17 6.90 -4.44
CA HIS A 53 6.50 7.35 -4.04
C HIS A 53 7.08 6.44 -2.96
N SER A 54 6.20 5.73 -2.24
CA SER A 54 6.63 4.80 -1.21
C SER A 54 7.54 3.73 -1.80
N TRP A 55 7.43 3.50 -3.10
CA TRP A 55 8.19 2.47 -3.78
C TRP A 55 9.42 3.02 -4.47
N ARG A 56 9.74 4.29 -4.21
CA ARG A 56 10.82 4.97 -4.92
C ARG A 56 12.16 4.26 -4.79
N GLY A 57 12.39 3.62 -3.65
CA GLY A 57 13.64 2.92 -3.42
C GLY A 57 13.65 1.51 -4.01
N LEU A 58 12.53 0.81 -3.87
CA LEU A 58 12.44 -0.59 -4.25
C LEU A 58 12.22 -0.80 -5.75
N ALA A 59 11.48 0.11 -6.38
CA ALA A 59 11.11 -0.04 -7.79
C ALA A 59 12.31 -0.15 -8.74
N PRO A 60 13.30 0.76 -8.61
CA PRO A 60 14.46 0.65 -9.50
C PRO A 60 15.24 -0.66 -9.36
N LEU A 61 15.26 -1.25 -8.17
CA LEU A 61 15.96 -2.51 -7.96
C LEU A 61 15.21 -3.67 -8.62
N LEU A 62 13.88 -3.63 -8.57
CA LEU A 62 13.07 -4.70 -9.13
C LEU A 62 12.97 -4.60 -10.65
N SER A 63 13.18 -3.40 -11.18
CA SER A 63 13.01 -3.16 -12.63
C SER A 63 14.12 -3.82 -13.45
N ARG A 64 15.18 -4.28 -12.79
CA ARG A 64 16.21 -5.06 -13.46
C ARG A 64 15.62 -6.29 -14.09
N HIS A 65 14.81 -6.99 -13.31
CA HIS A 65 14.36 -8.33 -13.67
C HIS A 65 12.87 -8.38 -13.99
N TYR A 66 12.11 -7.41 -13.50
CA TYR A 66 10.66 -7.45 -13.58
C TYR A 66 10.10 -6.18 -14.21
N HIS A 67 8.87 -6.29 -14.72
CA HIS A 67 8.09 -5.12 -15.09
C HIS A 67 7.33 -4.62 -13.87
N VAL A 68 7.78 -3.51 -13.31
CA VAL A 68 7.20 -2.98 -12.08
C VAL A 68 6.01 -2.08 -12.37
N VAL A 69 4.87 -2.38 -11.74
CA VAL A 69 3.67 -1.55 -11.86
C VAL A 69 3.26 -1.07 -10.47
N ALA A 70 3.20 0.24 -10.30
CA ALA A 70 2.93 0.85 -9.00
C ALA A 70 1.96 2.03 -9.12
N PRO A 71 0.67 1.79 -8.87
CA PRO A 71 -0.35 2.86 -8.94
C PRO A 71 -0.55 3.60 -7.64
N ASP A 72 -0.99 4.86 -7.73
CA ASP A 72 -1.60 5.53 -6.58
C ASP A 72 -3.02 5.01 -6.43
N LEU A 73 -3.36 4.51 -5.26
CA LEU A 73 -4.71 4.01 -5.01
C LEU A 73 -5.73 5.14 -5.18
N PRO A 74 -7.01 4.78 -5.39
CA PRO A 74 -8.08 5.77 -5.53
C PRO A 74 -8.07 6.84 -4.43
N GLY A 75 -8.10 8.11 -4.83
CA GLY A 75 -8.14 9.21 -3.90
C GLY A 75 -6.77 9.64 -3.41
N HIS A 76 -5.78 8.75 -3.53
CA HIS A 76 -4.43 9.01 -3.05
C HIS A 76 -3.53 9.63 -4.11
N GLY A 77 -2.65 10.51 -3.66
CA GLY A 77 -1.69 11.14 -4.56
C GLY A 77 -2.33 11.88 -5.72
N PHE A 78 -2.05 11.40 -6.93
CA PHE A 78 -2.53 12.04 -8.14
C PHE A 78 -3.54 11.17 -8.89
N THR A 79 -3.99 10.09 -8.25
CA THR A 79 -5.15 9.33 -8.73
C THR A 79 -6.42 9.99 -8.19
N GLN A 80 -7.43 10.16 -9.03
CA GLN A 80 -8.61 10.90 -8.59
C GLN A 80 -9.56 10.01 -7.80
N THR A 81 -10.59 10.64 -7.25
CA THR A 81 -11.55 10.00 -6.36
C THR A 81 -12.74 9.47 -7.15
N PRO A 82 -13.10 8.19 -6.97
CA PRO A 82 -14.29 7.65 -7.65
C PRO A 82 -15.57 7.88 -6.85
N ARG A 86 -17.90 4.17 -2.91
CA ARG A 86 -17.36 2.88 -2.52
C ARG A 86 -15.83 2.93 -2.40
N MSE A 87 -15.37 3.44 -1.26
CA MSE A 87 -13.95 3.52 -0.95
C MSE A 87 -13.56 2.39 0.00
O MSE A 87 -12.92 2.61 1.04
CB MSE A 87 -13.62 4.88 -0.34
CG MSE A 87 -12.13 5.17 -0.22
SE MSE A 87 -11.38 6.02 -1.83
CE MSE A 87 -9.97 6.99 -0.95
N SER A 88 -13.97 1.18 -0.34
CA SER A 88 -13.86 0.03 0.55
C SER A 88 -12.88 -1.02 0.03
N LEU A 89 -12.78 -2.13 0.75
CA LEU A 89 -11.82 -3.17 0.40
C LEU A 89 -12.23 -3.89 -0.89
N PRO A 90 -13.45 -4.44 -0.96
CA PRO A 90 -13.85 -5.03 -2.24
C PRO A 90 -13.98 -4.01 -3.37
N GLY A 91 -14.36 -2.78 -3.02
CA GLY A 91 -14.47 -1.72 -4.00
C GLY A 91 -13.13 -1.39 -4.64
N MSE A 92 -12.08 -1.33 -3.84
CA MSE A 92 -10.76 -1.02 -4.34
C MSE A 92 -10.14 -2.18 -5.09
O MSE A 92 -9.45 -1.99 -6.09
CB MSE A 92 -9.84 -0.62 -3.19
CG MSE A 92 -10.05 0.81 -2.73
SE MSE A 92 -8.62 1.42 -1.57
CE MSE A 92 -9.51 2.97 -0.83
N ALA A 93 -10.40 -3.40 -4.63
CA ALA A 93 -9.85 -4.58 -5.26
C ALA A 93 -10.38 -4.76 -6.68
N SER A 94 -11.63 -4.36 -6.90
CA SER A 94 -12.26 -4.50 -8.20
C SER A 94 -11.88 -3.33 -9.11
N ASP A 95 -11.75 -2.14 -8.54
CA ASP A 95 -11.28 -0.98 -9.29
C ASP A 95 -9.86 -1.21 -9.81
N LEU A 96 -9.04 -1.85 -8.98
CA LEU A 96 -7.67 -2.17 -9.38
C LEU A 96 -7.66 -3.21 -10.50
N ALA A 97 -8.58 -4.16 -10.42
CA ALA A 97 -8.70 -5.17 -11.47
C ALA A 97 -9.08 -4.50 -12.79
N ALA A 98 -9.86 -3.43 -12.69
CA ALA A 98 -10.26 -2.68 -13.89
C ALA A 98 -9.06 -1.94 -14.49
N LEU A 99 -8.12 -1.54 -13.64
CA LEU A 99 -6.91 -0.88 -14.12
C LEU A 99 -5.98 -1.89 -14.80
N LEU A 100 -5.86 -3.08 -14.21
CA LEU A 100 -4.97 -4.11 -14.75
C LEU A 100 -5.44 -4.58 -16.12
N ARG A 101 -6.75 -4.58 -16.36
CA ARG A 101 -7.29 -4.98 -17.65
C ARG A 101 -6.96 -3.94 -18.70
N VAL A 102 -7.19 -2.66 -18.40
CA VAL A 102 -6.79 -1.58 -19.29
C VAL A 102 -5.30 -1.68 -19.64
N LEU A 103 -4.48 -1.94 -18.62
CA LEU A 103 -3.04 -2.05 -18.81
C LEU A 103 -2.64 -3.39 -19.42
N GLN A 104 -3.55 -4.34 -19.39
CA GLN A 104 -3.27 -5.72 -19.81
C GLN A 104 -2.06 -6.28 -19.07
N VAL A 105 -2.17 -6.37 -17.74
CA VAL A 105 -1.09 -6.91 -16.92
C VAL A 105 -1.59 -8.13 -16.13
N ALA A 106 -0.80 -9.19 -16.15
CA ALA A 106 -1.11 -10.42 -15.44
C ALA A 106 0.07 -10.73 -14.51
N PRO A 107 0.03 -10.20 -13.28
CA PRO A 107 1.22 -10.23 -12.39
C PRO A 107 1.65 -11.62 -11.97
N GLN A 108 2.96 -11.87 -11.95
CA GLN A 108 3.51 -13.11 -11.44
C GLN A 108 3.78 -13.00 -9.93
N LEU A 109 4.26 -11.83 -9.51
CA LEU A 109 4.51 -11.54 -8.11
C LEU A 109 3.72 -10.30 -7.71
N VAL A 110 3.37 -10.19 -6.44
CA VAL A 110 2.74 -8.97 -5.94
C VAL A 110 3.30 -8.60 -4.58
N VAL A 111 3.36 -7.29 -4.32
CA VAL A 111 3.86 -6.78 -3.05
C VAL A 111 2.88 -5.74 -2.50
N GLY A 112 2.41 -5.97 -1.28
CA GLY A 112 1.51 -5.06 -0.61
C GLY A 112 2.08 -4.60 0.71
N HIS A 113 2.09 -3.28 0.92
CA HIS A 113 2.47 -2.73 2.21
C HIS A 113 1.23 -2.39 3.02
N SER A 114 1.19 -2.87 4.26
CA SER A 114 0.11 -2.52 5.18
C SER A 114 -1.24 -2.92 4.57
N ALA A 115 -2.17 -1.99 4.45
CA ALA A 115 -3.49 -2.27 3.88
C ALA A 115 -3.39 -2.79 2.44
N GLY A 116 -2.32 -2.43 1.76
CA GLY A 116 -2.09 -2.89 0.41
C GLY A 116 -2.05 -4.40 0.31
N ALA A 117 -1.57 -5.05 1.36
CA ALA A 117 -1.49 -6.50 1.40
C ALA A 117 -2.88 -7.14 1.45
N ALA A 118 -3.80 -6.51 2.16
CA ALA A 118 -5.16 -7.00 2.28
C ALA A 118 -5.92 -6.81 0.97
N ILE A 119 -5.64 -5.70 0.29
CA ILE A 119 -6.24 -5.43 -1.01
C ILE A 119 -5.82 -6.51 -1.99
N LEU A 120 -4.53 -6.83 -2.00
CA LEU A 120 -4.01 -7.84 -2.92
C LEU A 120 -4.59 -9.22 -2.60
N ALA A 121 -4.72 -9.54 -1.32
CA ALA A 121 -5.32 -10.81 -0.92
C ALA A 121 -6.74 -10.92 -1.44
N ARG A 122 -7.49 -9.81 -1.33
CA ARG A 122 -8.86 -9.77 -1.82
C ARG A 122 -8.90 -9.99 -3.33
N MSE A 123 -7.98 -9.37 -4.07
CA MSE A 123 -7.93 -9.54 -5.52
C MSE A 123 -7.67 -11.00 -5.90
O MSE A 123 -8.28 -11.52 -6.84
CB MSE A 123 -6.86 -8.65 -6.14
CG MSE A 123 -7.14 -7.18 -6.01
SE MSE A 123 -5.77 -6.11 -6.87
CE MSE A 123 -6.28 -6.43 -8.73
N CYS A 124 -6.77 -11.65 -5.17
CA CYS A 124 -6.48 -13.06 -5.40
C CYS A 124 -7.72 -13.92 -5.16
N LEU A 125 -8.42 -13.63 -4.07
CA LEU A 125 -9.59 -14.40 -3.69
C LEU A 125 -10.77 -14.20 -4.63
N ASP A 126 -10.83 -13.04 -5.27
CA ASP A 126 -11.87 -12.78 -6.26
C ASP A 126 -11.61 -13.54 -7.54
N GLY A 127 -10.34 -13.89 -7.76
CA GLY A 127 -9.93 -14.60 -8.95
C GLY A 127 -9.40 -13.64 -10.02
N SER A 128 -9.41 -12.35 -9.74
CA SER A 128 -9.05 -11.35 -10.74
C SER A 128 -7.54 -11.32 -11.03
N ILE A 129 -6.74 -11.94 -10.15
CA ILE A 129 -5.32 -12.16 -10.44
C ILE A 129 -4.90 -13.51 -9.86
N ASP A 130 -3.77 -14.02 -10.31
CA ASP A 130 -3.24 -15.27 -9.78
C ASP A 130 -1.71 -15.27 -9.76
N PRO A 131 -1.12 -14.43 -8.90
CA PRO A 131 0.34 -14.41 -8.78
C PRO A 131 0.85 -15.68 -8.10
N LYS A 132 2.12 -16.00 -8.31
CA LYS A 132 2.73 -17.15 -7.66
C LYS A 132 2.99 -16.86 -6.18
N ILE A 133 3.39 -15.62 -5.87
CA ILE A 133 3.68 -15.21 -4.50
C ILE A 133 3.02 -13.88 -4.17
N LEU A 134 2.45 -13.81 -2.96
CA LEU A 134 1.95 -12.56 -2.40
C LEU A 134 2.87 -12.11 -1.28
N PHE A 135 3.65 -11.07 -1.54
CA PHE A 135 4.53 -10.51 -0.53
C PHE A 135 3.81 -9.49 0.32
N SER A 136 3.82 -9.70 1.63
CA SER A 136 3.15 -8.84 2.58
C SER A 136 4.19 -8.10 3.44
N LEU A 137 4.32 -6.79 3.21
CA LEU A 137 5.24 -5.97 4.00
C LEU A 137 4.48 -5.33 5.14
N ASN A 138 4.64 -5.87 6.36
CA ASN A 138 3.84 -5.43 7.51
C ASN A 138 2.36 -5.32 7.16
N GLY A 139 1.85 -6.34 6.50
CA GLY A 139 0.45 -6.36 6.08
C GLY A 139 -0.52 -6.17 7.22
N ALA A 140 -1.51 -5.30 7.00
CA ALA A 140 -2.52 -5.03 8.00
C ALA A 140 -3.72 -5.95 7.79
N PHE A 141 -3.61 -7.16 8.31
CA PHE A 141 -4.64 -8.18 8.07
C PHE A 141 -5.70 -8.23 9.17
N LEU A 142 -5.37 -7.76 10.36
CA LEU A 142 -6.35 -7.62 11.43
C LEU A 142 -6.80 -6.17 11.53
N PRO A 143 -8.02 -5.93 12.05
CA PRO A 143 -8.47 -4.56 12.26
C PRO A 143 -7.48 -3.72 13.07
N TYR A 144 -7.36 -2.44 12.72
CA TYR A 144 -6.50 -1.50 13.43
C TYR A 144 -6.89 -1.45 14.91
N GLY A 145 -5.89 -1.45 15.79
CA GLY A 145 -6.13 -1.40 17.22
C GLY A 145 -6.55 -2.74 17.80
N GLY A 146 -7.71 -3.23 17.41
CA GLY A 146 -8.23 -4.49 17.92
C GLY A 146 -9.73 -4.62 17.75
N PRO A 147 -10.36 -5.51 18.54
CA PRO A 147 -11.83 -5.63 18.58
C PRO A 147 -12.50 -4.36 19.12
N ALA A 148 -11.70 -3.41 19.59
CA ALA A 148 -12.19 -2.07 19.90
C ALA A 148 -12.74 -1.42 18.64
N ALA A 149 -12.40 -1.99 17.48
CA ALA A 149 -12.88 -1.53 16.19
C ALA A 149 -14.41 -1.57 16.09
N SER A 150 -15.02 -2.59 16.69
CA SER A 150 -16.47 -2.70 16.73
C SER A 150 -17.12 -1.44 17.29
N PHE A 151 -16.35 -0.71 18.10
CA PHE A 151 -16.82 0.51 18.74
C PHE A 151 -16.30 1.75 18.02
N PHE A 152 -15.07 1.67 17.55
CA PHE A 152 -14.45 2.78 16.83
C PHE A 152 -14.93 2.86 15.38
N SER A 153 -15.69 1.87 14.93
CA SER A 153 -16.12 1.82 13.54
C SER A 153 -17.21 2.87 13.23
N PRO A 154 -18.37 2.79 13.90
CA PRO A 154 -19.39 3.78 13.51
C PRO A 154 -19.02 5.23 13.84
N LEU A 155 -18.24 5.47 14.90
CA LEU A 155 -17.84 6.84 15.23
C LEU A 155 -16.97 7.41 14.13
N ALA A 156 -16.09 6.58 13.59
CA ALA A 156 -15.15 7.02 12.56
C ALA A 156 -15.89 7.40 11.29
N LYS A 157 -16.98 6.69 11.02
CA LYS A 157 -17.78 6.97 9.84
C LYS A 157 -18.46 8.33 9.96
N MSE A 158 -18.62 8.80 11.19
CA MSE A 158 -19.17 10.12 11.44
C MSE A 158 -18.11 11.18 11.14
O MSE A 158 -18.37 12.12 10.39
CB MSE A 158 -19.66 10.24 12.88
N LEU A 159 -16.93 10.99 11.72
CA LEU A 159 -15.77 11.83 11.43
C LEU A 159 -15.56 11.99 9.93
N VAL A 160 -15.55 10.85 9.23
CA VAL A 160 -15.42 10.81 7.78
C VAL A 160 -16.46 11.69 7.09
N MSE A 161 -17.71 11.56 7.53
CA MSE A 161 -18.82 12.28 6.90
C MSE A 161 -18.67 13.80 7.02
O MSE A 161 -19.38 14.55 6.35
CB MSE A 161 -20.15 11.84 7.53
N ASN A 162 -17.73 14.25 7.86
CA ASN A 162 -17.49 15.67 8.08
C ASN A 162 -16.33 16.18 7.22
N PRO A 163 -16.62 17.08 6.25
CA PRO A 163 -15.54 17.57 5.38
C PRO A 163 -14.47 18.38 6.11
N PHE A 164 -14.78 18.87 7.31
CA PHE A 164 -13.86 19.74 8.02
C PHE A 164 -12.69 18.98 8.64
N VAL A 165 -12.92 17.72 8.99
CA VAL A 165 -11.90 16.91 9.66
C VAL A 165 -10.62 16.78 8.85
N PRO A 166 -10.72 16.36 7.57
CA PRO A 166 -9.50 16.29 6.75
C PRO A 166 -8.78 17.63 6.60
N SER A 167 -9.52 18.73 6.50
CA SER A 167 -8.89 20.05 6.41
C SER A 167 -8.11 20.36 7.68
N LEU A 168 -8.66 19.98 8.82
CA LEU A 168 -8.01 20.21 10.10
C LEU A 168 -6.76 19.36 10.23
N PHE A 169 -6.88 18.07 9.94
CA PHE A 169 -5.74 17.17 9.99
C PHE A 169 -4.66 17.64 9.03
N ALA A 170 -5.07 18.07 7.84
CA ALA A 170 -4.13 18.51 6.81
C ALA A 170 -3.41 19.79 7.23
N TRP A 171 -4.14 20.68 7.88
CA TRP A 171 -3.56 21.94 8.35
C TRP A 171 -2.58 21.68 9.49
N GLN A 172 -2.98 20.82 10.42
CA GLN A 172 -2.17 20.46 11.57
C GLN A 172 -0.89 19.74 11.13
N ALA A 173 -1.02 18.89 10.11
CA ALA A 173 0.10 18.07 9.66
C ALA A 173 1.09 18.87 8.81
N GLY A 174 0.76 20.13 8.53
CA GLY A 174 1.61 20.99 7.73
C GLY A 174 2.67 21.69 8.55
N HIS A 175 2.48 21.74 9.87
CA HIS A 175 3.43 22.38 10.77
C HIS A 175 4.77 21.64 10.77
N ARG A 176 5.85 22.38 10.99
CA ARG A 176 7.20 21.82 11.04
C ARG A 176 7.26 20.76 12.13
N GLY A 177 7.87 19.63 11.79
CA GLY A 177 8.09 18.56 12.74
C GLY A 177 6.97 17.57 12.83
N ALA A 178 5.88 17.82 12.11
CA ALA A 178 4.67 17.01 12.21
C ALA A 178 4.78 15.69 11.44
N VAL A 179 5.28 15.75 10.22
CA VAL A 179 5.40 14.53 9.41
C VAL A 179 6.47 13.60 9.98
N GLU A 180 7.63 14.16 10.31
CA GLU A 180 8.72 13.36 10.87
C GLU A 180 8.27 12.76 12.20
N ARG A 181 7.37 13.45 12.89
CA ARG A 181 6.81 12.92 14.13
C ARG A 181 5.86 11.75 13.84
N LEU A 182 4.93 11.96 12.92
CA LEU A 182 3.97 10.92 12.54
C LEU A 182 4.66 9.66 12.07
N ILE A 183 5.67 9.83 11.23
CA ILE A 183 6.44 8.71 10.70
C ILE A 183 7.26 8.07 11.83
N GLY A 184 7.81 8.90 12.71
CA GLY A 184 8.57 8.41 13.84
C GLY A 184 7.75 7.54 14.76
N ASN A 185 6.45 7.81 14.83
CA ASN A 185 5.57 7.05 15.71
C ASN A 185 5.29 5.64 15.23
N THR A 186 5.57 5.38 13.95
CA THR A 186 5.42 4.05 13.39
C THR A 186 6.71 3.24 13.54
N GLY A 187 7.77 3.91 13.98
CA GLY A 187 9.03 3.25 14.30
C GLY A 187 10.08 3.33 13.21
N SER A 188 9.82 4.17 12.20
CA SER A 188 10.71 4.27 11.04
C SER A 188 11.41 5.62 10.97
N THR A 189 12.55 5.66 10.28
CA THR A 189 13.23 6.90 9.96
C THR A 189 13.57 6.91 8.47
N ILE A 190 13.09 7.91 7.75
CA ILE A 190 13.36 8.01 6.32
C ILE A 190 14.12 9.29 5.95
N ASP A 191 14.56 9.36 4.70
CA ASP A 191 15.35 10.47 4.20
C ASP A 191 14.55 11.78 4.13
N PRO A 192 15.26 12.92 4.05
CA PRO A 192 14.60 14.23 3.94
C PRO A 192 13.66 14.34 2.75
N ALA A 193 14.07 13.82 1.60
CA ALA A 193 13.25 13.89 0.39
C ALA A 193 11.94 13.17 0.62
N GLY A 194 12.03 11.99 1.24
CA GLY A 194 10.85 11.22 1.57
C GLY A 194 9.91 11.97 2.50
N ILE A 195 10.48 12.64 3.49
CA ILE A 195 9.69 13.43 4.43
C ILE A 195 8.96 14.56 3.72
N LYS A 196 9.63 15.16 2.73
CA LYS A 196 9.05 16.25 1.96
C LYS A 196 7.86 15.77 1.13
N LEU A 197 8.01 14.58 0.52
CA LEU A 197 6.95 14.02 -0.29
C LEU A 197 5.71 13.73 0.53
N TYR A 198 5.89 13.07 1.68
CA TYR A 198 4.77 12.76 2.55
C TYR A 198 4.10 14.05 3.00
N GLY A 199 4.92 15.06 3.31
CA GLY A 199 4.42 16.36 3.72
C GLY A 199 3.50 16.99 2.70
N LYS A 200 3.82 16.81 1.42
CA LYS A 200 2.97 17.31 0.35
C LYS A 200 1.61 16.60 0.40
N LEU A 201 1.64 15.29 0.64
CA LEU A 201 0.42 14.49 0.68
C LEU A 201 -0.47 14.82 1.86
N VAL A 202 0.10 14.82 3.07
CA VAL A 202 -0.69 15.08 4.27
C VAL A 202 -1.23 16.50 4.28
N SER A 203 -0.66 17.38 3.47
CA SER A 203 -1.11 18.78 3.42
C SER A 203 -2.26 18.97 2.42
N SER A 204 -2.60 17.92 1.68
CA SER A 204 -3.74 17.96 0.76
C SER A 204 -4.99 17.36 1.39
N PRO A 205 -6.01 18.21 1.64
CA PRO A 205 -7.24 17.70 2.26
C PRO A 205 -7.88 16.52 1.53
N ASN A 206 -7.92 16.56 0.19
CA ASN A 206 -8.52 15.48 -0.57
C ASN A 206 -7.78 14.15 -0.35
N HIS A 207 -6.46 14.22 -0.28
CA HIS A 207 -5.65 13.03 -0.01
C HIS A 207 -5.96 12.48 1.38
N VAL A 208 -5.97 13.36 2.37
CA VAL A 208 -6.26 12.96 3.73
C VAL A 208 -7.68 12.39 3.82
N ALA A 209 -8.63 13.07 3.21
CA ALA A 209 -10.03 12.64 3.23
C ALA A 209 -10.13 11.24 2.62
N ALA A 210 -9.33 11.01 1.59
CA ALA A 210 -9.28 9.72 0.93
C ALA A 210 -8.82 8.62 1.89
N ALA A 211 -7.72 8.88 2.57
CA ALA A 211 -7.17 7.91 3.52
C ALA A 211 -8.12 7.64 4.67
N LEU A 212 -8.86 8.66 5.10
CA LEU A 212 -9.78 8.53 6.24
C LEU A 212 -11.01 7.70 5.86
N ARG A 213 -11.58 7.97 4.69
CA ARG A 213 -12.74 7.22 4.22
C ARG A 213 -12.41 5.73 4.17
N MSE A 214 -11.21 5.45 3.68
CA MSE A 214 -10.73 4.07 3.54
C MSE A 214 -10.66 3.37 4.89
O MSE A 214 -11.13 2.24 5.03
CB MSE A 214 -9.35 4.10 2.86
CG MSE A 214 -8.77 2.75 2.53
SE MSE A 214 -7.03 2.95 1.68
CE MSE A 214 -6.57 1.07 1.47
N MSE A 215 -10.11 4.05 5.89
CA MSE A 215 -10.02 3.51 7.25
C MSE A 215 -11.40 3.22 7.82
O MSE A 215 -11.64 2.16 8.39
CB MSE A 215 -9.29 4.48 8.17
CG MSE A 215 -7.80 4.60 7.92
SE MSE A 215 -7.00 6.01 9.00
CE MSE A 215 -5.19 6.01 8.26
N ALA A 216 -12.31 4.17 7.65
CA ALA A 216 -13.65 4.07 8.22
C ALA A 216 -14.45 2.92 7.61
N ASN A 217 -14.32 2.74 6.29
CA ASN A 217 -15.08 1.73 5.59
C ASN A 217 -14.35 0.39 5.49
N TRP A 218 -13.32 0.22 6.31
CA TRP A 218 -12.49 -0.99 6.27
C TRP A 218 -13.06 -2.09 7.18
N ASP A 219 -13.55 -3.16 6.55
CA ASP A 219 -14.04 -4.32 7.28
C ASP A 219 -13.29 -5.56 6.81
N LEU A 220 -12.52 -6.14 7.72
CA LEU A 220 -11.62 -7.24 7.39
C LEU A 220 -12.21 -8.62 7.71
N GLU A 221 -13.37 -8.65 8.35
CA GLU A 221 -13.98 -9.91 8.78
C GLU A 221 -14.22 -10.86 7.61
N PRO A 222 -14.85 -10.37 6.53
CA PRO A 222 -15.10 -11.24 5.37
C PRO A 222 -13.82 -11.79 4.75
N LEU A 223 -12.78 -10.97 4.65
CA LEU A 223 -11.51 -11.40 4.07
C LEU A 223 -10.87 -12.49 4.92
N LEU A 224 -10.85 -12.29 6.23
CA LEU A 224 -10.25 -13.26 7.14
C LEU A 224 -10.98 -14.60 7.06
N LYS A 225 -12.27 -14.55 6.74
CA LYS A 225 -13.06 -15.77 6.56
C LYS A 225 -12.66 -16.51 5.29
N ALA A 226 -12.34 -15.76 4.24
CA ALA A 226 -12.01 -16.34 2.94
C ALA A 226 -10.53 -16.70 2.80
N LEU A 227 -9.72 -16.13 3.67
CA LEU A 227 -8.25 -16.23 3.58
C LEU A 227 -7.70 -17.65 3.48
N PRO A 228 -8.31 -18.62 4.18
CA PRO A 228 -7.82 -20.00 4.10
C PRO A 228 -7.68 -20.56 2.69
N ASN A 229 -8.49 -20.06 1.76
CA ASN A 229 -8.48 -20.59 0.39
C ASN A 229 -7.53 -19.83 -0.54
N LEU A 230 -6.67 -18.99 0.05
CA LEU A 230 -5.71 -18.21 -0.74
C LEU A 230 -4.72 -19.15 -1.46
N LYS A 231 -4.62 -19.01 -2.77
CA LYS A 231 -3.80 -19.93 -3.57
C LYS A 231 -2.31 -19.56 -3.59
N PRO A 232 -1.97 -18.29 -3.81
CA PRO A 232 -0.55 -17.92 -3.84
C PRO A 232 0.17 -18.20 -2.51
N LEU A 233 1.49 -18.35 -2.57
CA LEU A 233 2.30 -18.39 -1.36
C LEU A 233 2.26 -17.03 -0.70
N LEU A 234 1.91 -17.00 0.58
CA LEU A 234 1.85 -15.77 1.34
C LEU A 234 3.11 -15.62 2.18
N VAL A 235 3.96 -14.68 1.80
CA VAL A 235 5.17 -14.38 2.57
C VAL A 235 4.91 -13.16 3.44
N LEU A 236 4.78 -13.39 4.74
CA LEU A 236 4.50 -12.32 5.70
C LEU A 236 5.77 -11.71 6.26
N VAL A 237 6.16 -10.55 5.75
CA VAL A 237 7.32 -9.84 6.27
C VAL A 237 6.89 -8.97 7.45
N ALA A 238 7.57 -9.15 8.57
CA ALA A 238 7.21 -8.48 9.83
C ALA A 238 8.42 -7.73 10.40
N ALA A 239 8.37 -6.41 10.29
CA ALA A 239 9.40 -5.55 10.88
C ALA A 239 9.11 -5.38 12.37
N GLU A 240 10.08 -5.75 13.21
CA GLU A 240 9.84 -5.84 14.65
C GLU A 240 9.78 -4.49 15.34
N GLY A 241 10.35 -3.47 14.70
CA GLY A 241 10.26 -2.11 15.20
C GLY A 241 8.95 -1.45 14.81
N ASP A 242 8.09 -2.19 14.09
CA ASP A 242 6.82 -1.66 13.60
C ASP A 242 5.85 -1.49 14.76
N ARG A 243 5.53 -0.25 15.06
CA ARG A 243 4.66 0.09 16.18
C ARG A 243 3.20 0.11 15.75
N ALA A 244 2.95 0.45 14.50
CA ALA A 244 1.59 0.52 13.98
C ALA A 244 0.98 -0.86 13.79
N ILE A 245 1.70 -1.73 13.09
CA ILE A 245 1.30 -3.11 12.86
C ILE A 245 2.34 -4.04 13.49
N PRO A 246 2.11 -4.48 14.73
CA PRO A 246 3.16 -5.27 15.39
C PRO A 246 3.32 -6.66 14.76
N PRO A 247 4.49 -7.29 14.91
CA PRO A 247 4.77 -8.61 14.32
C PRO A 247 3.80 -9.71 14.74
N SER A 248 3.04 -9.50 15.82
CA SER A 248 2.06 -10.48 16.28
C SER A 248 0.93 -10.69 15.26
N VAL A 249 0.63 -9.66 14.48
CA VAL A 249 -0.39 -9.74 13.43
C VAL A 249 -0.05 -10.85 12.44
N ALA A 250 1.21 -10.93 12.06
CA ALA A 250 1.65 -11.95 11.12
C ALA A 250 1.47 -13.35 11.71
N VAL A 251 1.75 -13.50 13.00
CA VAL A 251 1.55 -14.78 13.66
C VAL A 251 0.06 -15.16 13.63
N LYS A 252 -0.81 -14.18 13.84
CA LYS A 252 -2.25 -14.43 13.84
C LYS A 252 -2.75 -14.82 12.46
N VAL A 253 -2.19 -14.22 11.41
CA VAL A 253 -2.56 -14.60 10.05
C VAL A 253 -2.15 -16.03 9.78
N ARG A 254 -0.98 -16.42 10.29
CA ARG A 254 -0.45 -17.76 10.07
C ARG A 254 -1.29 -18.79 10.80
N GLU A 255 -1.92 -18.38 11.89
CA GLU A 255 -2.80 -19.27 12.64
C GLU A 255 -4.07 -19.60 11.84
N ILE A 256 -4.43 -18.72 10.93
CA ILE A 256 -5.59 -18.93 10.06
C ILE A 256 -5.18 -19.63 8.78
N LEU A 257 -3.96 -19.35 8.32
CA LEU A 257 -3.41 -19.92 7.09
C LEU A 257 -2.05 -20.54 7.40
N PRO A 258 -2.04 -21.80 7.88
CA PRO A 258 -0.80 -22.43 8.36
C PRO A 258 0.28 -22.52 7.28
N LYS A 259 -0.14 -22.43 6.03
CA LYS A 259 0.78 -22.53 4.90
C LYS A 259 1.61 -21.26 4.72
N ALA A 260 1.16 -20.17 5.35
CA ALA A 260 1.87 -18.89 5.25
C ALA A 260 3.22 -18.98 5.93
N VAL A 261 4.12 -18.08 5.54
CA VAL A 261 5.50 -18.08 6.02
C VAL A 261 5.86 -16.71 6.57
N ILE A 262 6.58 -16.68 7.70
CA ILE A 262 6.96 -15.42 8.33
C ILE A 262 8.44 -15.12 8.17
N GLU A 263 8.73 -13.90 7.71
CA GLU A 263 10.09 -13.38 7.63
C GLU A 263 10.23 -12.22 8.60
N ARG A 264 10.93 -12.46 9.71
CA ARG A 264 11.15 -11.42 10.70
C ARG A 264 12.37 -10.59 10.35
N ILE A 265 12.27 -9.29 10.62
CA ILE A 265 13.39 -8.37 10.43
C ILE A 265 13.51 -7.50 11.69
N PRO A 266 14.61 -7.66 12.44
CA PRO A 266 14.74 -6.85 13.65
C PRO A 266 14.82 -5.34 13.39
N ALA A 267 14.38 -4.55 14.36
CA ALA A 267 14.66 -3.11 14.43
C ALA A 267 13.86 -2.21 13.50
N LEU A 268 13.76 -2.57 12.22
CA LEU A 268 13.12 -1.68 11.25
C LEU A 268 11.65 -1.43 11.59
N GLY A 269 11.13 -0.31 11.13
CA GLY A 269 9.79 0.11 11.48
C GLY A 269 8.75 -0.21 10.41
N HIS A 270 7.65 0.51 10.45
CA HIS A 270 6.54 0.29 9.54
C HIS A 270 6.92 0.52 8.07
N LEU A 271 7.83 1.45 7.84
CA LEU A 271 8.27 1.78 6.48
C LEU A 271 9.62 1.13 6.16
N ALA A 272 9.78 -0.12 6.58
CA ALA A 272 11.03 -0.85 6.40
C ALA A 272 11.50 -0.87 4.95
N HIS A 273 10.54 -0.95 4.02
CA HIS A 273 10.88 -1.04 2.60
C HIS A 273 11.35 0.31 2.05
N GLU A 274 11.04 1.39 2.77
CA GLU A 274 11.54 2.71 2.40
C GLU A 274 12.91 2.94 3.04
N GLU A 275 13.07 2.44 4.27
CA GLU A 275 14.33 2.55 5.00
C GLU A 275 15.43 1.70 4.35
N ARG A 276 15.08 0.49 3.95
CA ARG A 276 16.06 -0.48 3.47
C ARG A 276 15.54 -1.29 2.28
N PRO A 277 15.41 -0.64 1.12
CA PRO A 277 14.81 -1.31 -0.04
C PRO A 277 15.66 -2.45 -0.58
N ALA A 278 16.98 -2.35 -0.48
CA ALA A 278 17.86 -3.43 -0.94
C ALA A 278 17.61 -4.69 -0.14
N LEU A 279 17.36 -4.53 1.16
CA LEU A 279 17.10 -5.66 2.05
C LEU A 279 15.84 -6.40 1.62
N ILE A 280 14.81 -5.63 1.28
CA ILE A 280 13.53 -6.18 0.83
C ILE A 280 13.64 -6.75 -0.58
N ALA A 281 14.45 -6.11 -1.42
CA ALA A 281 14.67 -6.60 -2.77
C ALA A 281 15.30 -7.98 -2.73
N ALA A 282 16.33 -8.12 -1.88
CA ALA A 282 17.04 -9.40 -1.74
C ALA A 282 16.11 -10.50 -1.30
N LEU A 283 15.19 -10.17 -0.40
CA LEU A 283 14.24 -11.14 0.12
C LEU A 283 13.28 -11.58 -0.98
N ILE A 284 12.75 -10.61 -1.73
CA ILE A 284 11.85 -10.91 -2.84
C ILE A 284 12.56 -11.80 -3.86
N GLU A 285 13.84 -11.54 -4.07
CA GLU A 285 14.62 -12.26 -5.07
C GLU A 285 14.84 -13.71 -4.66
N ARG A 286 15.25 -13.89 -3.40
N ARG A 286 15.17 -13.97 -3.40
CA ARG A 286 15.39 -15.18 -2.74
CA ARG A 286 15.48 -15.34 -3.00
C ARG A 286 14.23 -16.11 -3.09
C ARG A 286 14.23 -16.21 -2.80
N TYR A 287 13.03 -15.60 -2.83
CA TYR A 287 11.80 -16.38 -2.91
C TYR A 287 11.42 -16.69 -4.36
N ALA A 288 11.52 -15.68 -5.22
CA ALA A 288 11.17 -15.87 -6.63
C ALA A 288 12.04 -16.94 -7.29
N GLU A 289 13.31 -17.01 -6.87
CA GLU A 289 14.25 -17.95 -7.46
C GLU A 289 13.86 -19.41 -7.22
N LYS A 290 13.00 -19.64 -6.24
CA LYS A 290 12.41 -20.96 -6.04
C LYS A 290 11.14 -21.08 -6.89
N LEU A 291 11.33 -21.11 -8.20
CA LEU A 291 10.22 -21.11 -9.15
C LEU A 291 10.77 -21.09 -10.58
O37 12P B . -3.09 13.21 9.48
C36 12P B . -2.76 12.34 8.36
C35 12P B . -3.57 11.03 8.47
O34 12P B . -3.93 10.55 7.15
C33 12P B . -3.15 9.46 6.64
C32 12P B . -1.86 10.02 5.98
O31 12P B . -0.72 9.50 6.69
C30 12P B . 0.50 9.49 5.97
C29 12P B . 1.68 9.45 6.97
O28 12P B . 2.28 8.16 7.01
C27 12P B . 1.39 7.11 7.31
C26 12P B . 1.93 6.27 8.47
O25 12P B . 0.98 5.25 8.83
C24 12P B . -0.22 5.73 9.44
C23 12P B . -1.04 4.52 10.02
O22 12P B . -1.95 4.03 9.02
C21 12P B . -2.29 2.64 9.17
C20 12P B . -3.76 2.45 8.93
O19 12P B . -3.98 1.14 8.38
C18 12P B . -5.24 0.59 8.61
C17 12P B . -5.88 0.20 7.27
O16 12P B . -6.84 1.16 6.88
#